data_1D3V
#
_entry.id   1D3V
#
_cell.length_a   91.300
_cell.length_b   91.300
_cell.length_c   69.900
_cell.angle_alpha   90.00
_cell.angle_beta   90.00
_cell.angle_gamma   120.00
#
_symmetry.space_group_name_H-M   'P 3'
#
loop_
_entity.id
_entity.type
_entity.pdbx_description
1 polymer 'PROTEIN (ARGINASE)'
2 non-polymer 'MANGANESE (II) ION'
3 non-polymer '2(S)-AMINO-6-BORONOHEXANOIC ACID'
4 water water
#
_entity_poly.entity_id   1
_entity_poly.type   'polypeptide(L)'
_entity_poly.pdbx_seq_one_letter_code
;MSSKPKPIEIIGAPFSKGQPRGGVEKGPAALRKAGLVEKLKETEYNVRDHGDLAFVDVPNDSPFQIVKNPRSVGKANEQL
AAVVAETQKNGTISVVLGGDHSMAIGSISGHARVHPDLCVIWVDAHTDINTPLTTSSGNLHGQPVAFLLKELKGKFPDVP
GFSWVTPCISAKDIVYIGLRDVDPGEHYIIKTLGIKYFSMTEVDKLGIGKVMEETFSYLLGRKKRPIHLSFDVDGLDPVF
TPATGTPVVGGLSYREGLYITEEIYKTGLLSGLDIMEVNPTLGKTPEEVTRTVNTAVALTLSCFGTKREGNHKPETDYLK
PPK
;
_entity_poly.pdbx_strand_id   A,B
#
# COMPACT_ATOMS: atom_id res chain seq x y z
N LYS A 6 4.33 46.17 -4.84
CA LYS A 6 3.59 44.98 -5.34
C LYS A 6 2.33 45.40 -6.09
N PRO A 7 2.35 45.37 -7.43
CA PRO A 7 1.21 45.76 -8.25
C PRO A 7 0.16 44.65 -8.32
N ILE A 8 -1.02 44.98 -8.83
CA ILE A 8 -2.12 44.02 -8.98
C ILE A 8 -2.39 43.75 -10.46
N GLU A 9 -2.77 42.52 -10.78
CA GLU A 9 -3.08 42.16 -12.16
C GLU A 9 -4.41 41.46 -12.25
N ILE A 10 -5.39 42.12 -12.86
CA ILE A 10 -6.73 41.56 -13.01
C ILE A 10 -6.70 40.55 -14.17
N ILE A 11 -7.30 39.39 -13.95
CA ILE A 11 -7.34 38.35 -14.98
C ILE A 11 -8.78 37.83 -15.08
N GLY A 12 -9.39 38.03 -16.25
CA GLY A 12 -10.77 37.58 -16.43
C GLY A 12 -10.86 36.12 -16.83
N ALA A 13 -11.85 35.42 -16.27
CA ALA A 13 -12.07 34.01 -16.56
C ALA A 13 -13.56 33.68 -16.82
N PRO A 14 -14.10 34.14 -17.97
CA PRO A 14 -15.50 33.92 -18.38
C PRO A 14 -15.75 32.45 -18.73
N PHE A 15 -15.84 31.61 -17.70
CA PHE A 15 -16.02 30.18 -17.87
C PHE A 15 -17.24 29.65 -17.09
N SER A 16 -17.95 28.68 -17.66
CA SER A 16 -19.13 28.11 -17.01
C SER A 16 -19.30 26.61 -17.21
N LYS A 17 -18.30 25.92 -17.75
CA LYS A 17 -18.40 24.49 -17.97
C LYS A 17 -18.30 23.64 -16.70
N GLY A 18 -18.03 24.27 -15.57
CA GLY A 18 -17.95 23.53 -14.31
C GLY A 18 -19.32 23.30 -13.70
N GLN A 19 -20.35 23.89 -14.29
CA GLN A 19 -21.72 23.75 -13.81
C GLN A 19 -22.72 23.95 -14.96
N PRO A 20 -24.02 23.74 -14.72
CA PRO A 20 -25.00 23.91 -15.82
C PRO A 20 -25.51 25.27 -16.33
N ARG A 21 -25.43 26.31 -15.50
CA ARG A 21 -25.93 27.63 -15.91
C ARG A 21 -24.87 28.50 -16.61
N GLY A 22 -25.12 28.79 -17.89
CA GLY A 22 -24.17 29.57 -18.68
C GLY A 22 -23.90 31.02 -18.36
N GLY A 23 -24.76 31.64 -17.54
CA GLY A 23 -24.60 33.04 -17.19
C GLY A 23 -23.39 33.49 -16.38
N VAL A 24 -22.75 32.58 -15.64
CA VAL A 24 -21.59 32.96 -14.86
C VAL A 24 -20.47 33.46 -15.76
N GLU A 25 -20.54 33.11 -17.05
CA GLU A 25 -19.53 33.55 -18.02
C GLU A 25 -19.51 35.07 -18.06
N LYS A 26 -20.63 35.68 -17.71
CA LYS A 26 -20.79 37.14 -17.73
C LYS A 26 -20.31 37.84 -16.45
N GLY A 27 -19.84 37.05 -15.49
CA GLY A 27 -19.38 37.61 -14.23
C GLY A 27 -18.35 38.71 -14.39
N PRO A 28 -17.22 38.45 -15.08
CA PRO A 28 -16.15 39.42 -15.32
C PRO A 28 -16.64 40.75 -15.90
N ALA A 29 -17.47 40.66 -16.93
CA ALA A 29 -18.02 41.84 -17.59
C ALA A 29 -18.86 42.73 -16.66
N ALA A 30 -19.70 42.10 -15.84
CA ALA A 30 -20.54 42.82 -14.91
C ALA A 30 -19.69 43.52 -13.85
N LEU A 31 -18.65 42.82 -13.36
CA LEU A 31 -17.74 43.37 -12.36
C LEU A 31 -17.00 44.58 -12.93
N ARG A 32 -16.51 44.46 -14.15
CA ARG A 32 -15.82 45.57 -14.81
C ARG A 32 -16.80 46.73 -15.06
N LYS A 33 -18.00 46.41 -15.54
CA LYS A 33 -19.00 47.44 -15.80
C LYS A 33 -19.40 48.18 -14.53
N ALA A 34 -19.27 47.54 -13.37
CA ALA A 34 -19.60 48.19 -12.11
C ALA A 34 -18.46 49.11 -11.67
N GLY A 35 -17.44 49.24 -12.52
CA GLY A 35 -16.32 50.11 -12.23
C GLY A 35 -15.19 49.52 -11.41
N LEU A 36 -15.10 48.19 -11.38
CA LEU A 36 -14.06 47.53 -10.60
C LEU A 36 -12.62 48.05 -10.77
N VAL A 37 -12.14 48.16 -12.00
CA VAL A 37 -10.77 48.61 -12.23
C VAL A 37 -10.50 50.07 -11.85
N GLU A 38 -11.40 50.97 -12.21
CA GLU A 38 -11.22 52.38 -11.89
C GLU A 38 -11.09 52.60 -10.37
N LYS A 39 -11.90 51.88 -9.60
CA LYS A 39 -11.87 52.01 -8.15
C LYS A 39 -10.60 51.46 -7.51
N LEU A 40 -10.07 50.38 -8.08
CA LEU A 40 -8.84 49.78 -7.58
C LEU A 40 -7.68 50.75 -7.82
N LYS A 41 -7.81 51.59 -8.85
CA LYS A 41 -6.76 52.55 -9.16
C LYS A 41 -6.79 53.72 -8.18
N GLU A 42 -7.78 53.72 -7.29
CA GLU A 42 -7.89 54.78 -6.30
C GLU A 42 -7.20 54.34 -5.00
N THR A 43 -6.70 53.10 -4.99
CA THR A 43 -6.00 52.54 -3.83
C THR A 43 -4.50 52.84 -3.90
N GLU A 44 -3.75 52.26 -2.97
CA GLU A 44 -2.30 52.46 -2.91
C GLU A 44 -1.55 51.58 -3.92
N TYR A 45 -2.27 50.64 -4.55
CA TYR A 45 -1.67 49.73 -5.50
C TYR A 45 -1.73 50.23 -6.94
N ASN A 46 -0.82 49.72 -7.77
CA ASN A 46 -0.79 50.03 -9.19
C ASN A 46 -1.57 48.88 -9.82
N VAL A 47 -2.54 49.21 -10.68
CA VAL A 47 -3.40 48.20 -11.31
C VAL A 47 -3.09 47.90 -12.78
N ARG A 48 -3.24 46.63 -13.15
CA ARG A 48 -2.99 46.17 -14.51
C ARG A 48 -4.08 45.17 -14.91
N ASP A 49 -4.71 45.40 -16.04
CA ASP A 49 -5.76 44.50 -16.50
C ASP A 49 -5.24 43.66 -17.65
N HIS A 50 -5.01 42.38 -17.37
CA HIS A 50 -4.52 41.45 -18.37
C HIS A 50 -5.60 41.20 -19.41
N GLY A 51 -6.85 41.43 -19.01
CA GLY A 51 -7.97 41.20 -19.90
C GLY A 51 -8.63 39.86 -19.57
N ASP A 52 -9.48 39.37 -20.45
CA ASP A 52 -10.16 38.09 -20.25
C ASP A 52 -9.48 36.99 -21.07
N LEU A 53 -9.50 35.77 -20.56
CA LEU A 53 -8.88 34.66 -21.26
C LEU A 53 -9.85 34.04 -22.26
N ALA A 54 -9.29 33.52 -23.34
CA ALA A 54 -10.07 32.87 -24.39
C ALA A 54 -9.81 31.39 -24.22
N PHE A 55 -10.79 30.68 -23.67
CA PHE A 55 -10.67 29.25 -23.41
C PHE A 55 -11.02 28.38 -24.63
N VAL A 56 -10.11 27.47 -24.96
CA VAL A 56 -10.31 26.57 -26.09
C VAL A 56 -11.30 25.46 -25.70
N ASP A 57 -12.48 25.51 -26.30
CA ASP A 57 -13.52 24.53 -26.02
C ASP A 57 -13.17 23.18 -26.66
N VAL A 58 -13.67 22.11 -26.08
CA VAL A 58 -13.43 20.76 -26.60
C VAL A 58 -14.76 20.22 -27.09
N PRO A 59 -14.94 20.12 -28.42
CA PRO A 59 -16.17 19.62 -29.06
C PRO A 59 -16.64 18.26 -28.58
N ASN A 60 -15.79 17.25 -28.75
CA ASN A 60 -16.11 15.91 -28.31
C ASN A 60 -15.62 15.81 -26.87
N ASP A 61 -16.52 16.06 -25.92
CA ASP A 61 -16.17 16.02 -24.51
C ASP A 61 -17.15 15.18 -23.72
N SER A 62 -17.09 13.87 -23.92
CA SER A 62 -17.99 12.95 -23.22
C SER A 62 -17.68 12.82 -21.73
N PRO A 63 -18.72 12.66 -20.90
CA PRO A 63 -18.56 12.52 -19.45
C PRO A 63 -17.63 11.39 -19.03
N PHE A 64 -16.73 11.68 -18.11
CA PHE A 64 -15.84 10.66 -17.59
C PHE A 64 -16.67 10.12 -16.45
N GLN A 65 -17.27 8.96 -16.64
CA GLN A 65 -18.14 8.39 -15.62
C GLN A 65 -19.32 9.34 -15.41
N ILE A 66 -19.36 10.01 -14.27
CA ILE A 66 -20.45 10.96 -13.97
C ILE A 66 -20.00 12.40 -14.17
N VAL A 67 -18.69 12.59 -14.24
CA VAL A 67 -18.08 13.91 -14.40
C VAL A 67 -18.35 14.53 -15.78
N LYS A 68 -19.03 15.68 -15.79
CA LYS A 68 -19.34 16.37 -17.04
C LYS A 68 -18.25 17.35 -17.51
N ASN A 69 -18.10 17.48 -18.82
CA ASN A 69 -17.12 18.37 -19.45
C ASN A 69 -15.70 18.28 -18.87
N PRO A 70 -15.19 17.06 -18.65
CA PRO A 70 -13.84 16.91 -18.09
C PRO A 70 -12.68 17.55 -18.86
N ARG A 71 -12.67 17.33 -20.18
CA ARG A 71 -11.61 17.86 -21.04
C ARG A 71 -11.65 19.39 -21.21
N SER A 72 -12.85 19.96 -21.28
CA SER A 72 -12.98 21.41 -21.43
C SER A 72 -12.59 22.10 -20.13
N VAL A 73 -12.95 21.52 -19.00
CA VAL A 73 -12.62 22.08 -17.70
C VAL A 73 -11.12 21.92 -17.42
N GLY A 74 -10.57 20.78 -17.82
CA GLY A 74 -9.15 20.53 -17.62
C GLY A 74 -8.27 21.47 -18.42
N LYS A 75 -8.62 21.70 -19.68
CA LYS A 75 -7.80 22.58 -20.52
C LYS A 75 -7.87 24.06 -20.14
N ALA A 76 -9.06 24.55 -19.81
CA ALA A 76 -9.22 25.95 -19.42
C ALA A 76 -8.42 26.25 -18.15
N ASN A 77 -8.35 25.26 -17.26
CA ASN A 77 -7.59 25.44 -16.02
C ASN A 77 -6.10 25.39 -16.27
N GLU A 78 -5.69 24.61 -17.27
CA GLU A 78 -4.27 24.52 -17.59
C GLU A 78 -3.79 25.86 -18.16
N GLN A 79 -4.66 26.49 -18.95
CA GLN A 79 -4.34 27.77 -19.55
C GLN A 79 -4.21 28.84 -18.47
N LEU A 80 -5.13 28.81 -17.51
CA LEU A 80 -5.14 29.78 -16.40
C LEU A 80 -3.92 29.70 -15.51
N ALA A 81 -3.54 28.48 -15.14
CA ALA A 81 -2.37 28.26 -14.29
C ALA A 81 -1.14 28.90 -14.89
N ALA A 82 -0.92 28.69 -16.17
CA ALA A 82 0.24 29.26 -16.85
C ALA A 82 0.24 30.77 -16.75
N VAL A 83 -0.91 31.38 -16.96
CA VAL A 83 -1.03 32.84 -16.89
C VAL A 83 -0.77 33.38 -15.48
N VAL A 84 -1.34 32.72 -14.48
CA VAL A 84 -1.18 33.17 -13.10
C VAL A 84 0.27 33.03 -12.64
N ALA A 85 0.89 31.89 -12.95
CA ALA A 85 2.28 31.64 -12.57
C ALA A 85 3.23 32.69 -13.15
N GLU A 86 2.95 33.14 -14.37
CA GLU A 86 3.80 34.14 -15.02
C GLU A 86 3.75 35.50 -14.33
N THR A 87 2.55 35.92 -13.92
CA THR A 87 2.42 37.21 -13.24
C THR A 87 2.98 37.11 -11.82
N GLN A 88 2.85 35.95 -11.18
CA GLN A 88 3.38 35.75 -9.84
C GLN A 88 4.89 35.81 -9.96
N LYS A 89 5.39 35.26 -11.07
CA LYS A 89 6.82 35.23 -11.35
C LYS A 89 7.35 36.65 -11.48
N ASN A 90 6.47 37.59 -11.81
CA ASN A 90 6.88 38.97 -11.98
C ASN A 90 6.60 39.84 -10.76
N GLY A 91 6.37 39.20 -9.61
CA GLY A 91 6.12 39.93 -8.37
C GLY A 91 4.83 40.72 -8.28
N THR A 92 3.76 40.17 -8.83
CA THR A 92 2.46 40.86 -8.79
C THR A 92 1.39 40.00 -8.12
N ILE A 93 0.38 40.65 -7.55
CA ILE A 93 -0.74 39.96 -6.89
C ILE A 93 -1.79 39.66 -7.98
N SER A 94 -2.16 38.39 -8.14
CA SER A 94 -3.15 38.01 -9.16
C SER A 94 -4.60 38.07 -8.67
N VAL A 95 -5.47 38.71 -9.45
CA VAL A 95 -6.89 38.79 -9.11
C VAL A 95 -7.71 38.15 -10.23
N VAL A 96 -8.25 36.97 -9.93
CA VAL A 96 -9.03 36.19 -10.91
C VAL A 96 -10.53 36.45 -10.73
N LEU A 97 -11.11 37.02 -11.80
CA LEU A 97 -12.53 37.38 -11.85
C LEU A 97 -13.34 36.19 -12.41
N GLY A 98 -14.07 35.63 -11.46
CA GLY A 98 -14.89 34.40 -11.58
C GLY A 98 -16.20 34.60 -12.41
N GLY A 99 -16.80 33.65 -13.21
CA GLY A 99 -16.42 32.24 -13.47
C GLY A 99 -16.92 31.32 -12.35
N ASP A 100 -17.31 30.09 -12.75
CA ASP A 100 -17.70 29.06 -11.78
C ASP A 100 -16.40 28.70 -11.04
N HIS A 101 -16.55 28.23 -9.80
CA HIS A 101 -15.44 27.89 -8.92
C HIS A 101 -14.49 26.80 -9.39
N SER A 102 -14.78 26.15 -10.52
CA SER A 102 -13.88 25.10 -11.00
C SER A 102 -12.55 25.72 -11.46
N MET A 103 -12.55 27.02 -11.69
CA MET A 103 -11.35 27.73 -12.13
C MET A 103 -10.33 27.93 -11.00
N ALA A 104 -10.68 27.51 -9.79
CA ALA A 104 -9.77 27.64 -8.66
C ALA A 104 -8.62 26.63 -8.81
N ILE A 105 -8.87 25.54 -9.53
CA ILE A 105 -7.84 24.53 -9.75
C ILE A 105 -6.66 25.22 -10.45
N GLY A 106 -6.93 25.90 -11.56
CA GLY A 106 -5.89 26.59 -12.31
C GLY A 106 -5.29 27.77 -11.56
N SER A 107 -6.12 28.53 -10.85
CA SER A 107 -5.65 29.69 -10.10
C SER A 107 -4.66 29.29 -9.01
N ILE A 108 -5.04 28.34 -8.17
CA ILE A 108 -4.19 27.87 -7.07
C ILE A 108 -2.94 27.13 -7.58
N SER A 109 -3.11 26.33 -8.63
CA SER A 109 -1.99 25.56 -9.20
C SER A 109 -0.87 26.46 -9.73
N GLY A 110 -1.23 27.50 -10.47
CA GLY A 110 -0.23 28.41 -11.00
C GLY A 110 0.43 29.23 -9.90
N HIS A 111 -0.34 29.52 -8.86
CA HIS A 111 0.17 30.29 -7.73
C HIS A 111 1.23 29.49 -6.97
N ALA A 112 0.91 28.23 -6.68
CA ALA A 112 1.80 27.33 -5.95
C ALA A 112 3.08 27.01 -6.70
N ARG A 113 3.09 27.30 -8.01
CA ARG A 113 4.28 27.05 -8.80
C ARG A 113 5.37 28.04 -8.41
N VAL A 114 4.96 29.27 -8.09
CA VAL A 114 5.87 30.31 -7.70
C VAL A 114 6.00 30.40 -6.17
N HIS A 115 4.88 30.17 -5.46
CA HIS A 115 4.89 30.21 -4.00
C HIS A 115 4.39 28.89 -3.39
N PRO A 116 5.22 27.84 -3.44
CA PRO A 116 4.89 26.51 -2.91
C PRO A 116 4.55 26.45 -1.41
N ASP A 117 4.87 27.51 -0.69
CA ASP A 117 4.61 27.57 0.76
C ASP A 117 3.30 28.24 1.14
N LEU A 118 2.50 28.67 0.17
CA LEU A 118 1.25 29.36 0.46
C LEU A 118 0.20 28.54 1.20
N CYS A 119 -0.77 29.23 1.79
CA CYS A 119 -1.87 28.60 2.50
C CYS A 119 -3.15 29.10 1.81
N VAL A 120 -4.26 28.41 2.01
CA VAL A 120 -5.54 28.80 1.37
C VAL A 120 -6.71 29.08 2.32
N ILE A 121 -7.36 30.22 2.15
CA ILE A 121 -8.55 30.56 2.94
C ILE A 121 -9.72 30.45 1.96
N TRP A 122 -10.64 29.52 2.23
CA TRP A 122 -11.78 29.25 1.37
C TRP A 122 -13.11 29.69 2.01
N VAL A 123 -13.68 30.78 1.50
CA VAL A 123 -14.95 31.33 2.00
C VAL A 123 -16.05 30.80 1.08
N ASP A 124 -16.95 30.00 1.64
CA ASP A 124 -17.96 29.32 0.82
C ASP A 124 -19.00 28.63 1.73
N ALA A 125 -20.19 28.38 1.18
CA ALA A 125 -21.22 27.67 1.93
C ALA A 125 -20.96 26.19 1.75
N HIS A 126 -20.10 25.87 0.77
CA HIS A 126 -19.73 24.50 0.40
C HIS A 126 -18.21 24.23 0.50
N THR A 127 -17.86 22.96 0.71
CA THR A 127 -16.44 22.55 0.80
C THR A 127 -15.78 22.30 -0.56
N ASP A 128 -16.59 22.10 -1.61
CA ASP A 128 -16.10 21.82 -2.97
C ASP A 128 -14.99 20.78 -3.01
N ILE A 129 -15.17 19.69 -2.26
CA ILE A 129 -14.15 18.66 -2.15
C ILE A 129 -14.62 17.25 -2.56
N ASN A 130 -15.73 17.18 -3.29
CA ASN A 130 -16.15 15.86 -3.79
C ASN A 130 -15.12 15.32 -4.79
N THR A 131 -15.01 14.03 -4.91
CA THR A 131 -14.08 13.46 -5.87
C THR A 131 -14.95 12.90 -6.99
N PRO A 132 -14.32 12.51 -8.11
CA PRO A 132 -15.07 11.96 -9.24
C PRO A 132 -15.93 10.77 -8.83
N LEU A 133 -15.63 10.20 -7.67
CA LEU A 133 -16.37 9.04 -7.18
C LEU A 133 -17.39 9.34 -6.07
N THR A 134 -17.30 10.49 -5.42
CA THR A 134 -18.28 10.80 -4.36
C THR A 134 -19.37 11.73 -4.90
N THR A 135 -19.04 12.51 -5.91
CA THR A 135 -19.99 13.46 -6.48
C THR A 135 -21.27 12.78 -6.96
N SER A 136 -22.40 13.44 -6.73
CA SER A 136 -23.71 12.93 -7.15
C SER A 136 -24.26 13.75 -8.31
N SER A 137 -23.71 14.93 -8.53
CA SER A 137 -24.15 15.81 -9.61
C SER A 137 -23.23 15.71 -10.82
N GLY A 138 -21.94 15.53 -10.57
CA GLY A 138 -20.97 15.44 -11.65
C GLY A 138 -20.42 16.81 -12.05
N ASN A 139 -20.89 17.87 -11.40
CA ASN A 139 -20.43 19.21 -11.72
C ASN A 139 -19.08 19.50 -11.08
N LEU A 140 -18.08 19.81 -11.91
CA LEU A 140 -16.71 20.08 -11.44
C LEU A 140 -16.47 21.31 -10.57
N HIS A 141 -17.44 22.22 -10.46
CA HIS A 141 -17.26 23.40 -9.61
C HIS A 141 -17.39 23.00 -8.14
N GLY A 142 -17.74 21.75 -7.89
CA GLY A 142 -17.88 21.24 -6.54
C GLY A 142 -16.82 20.18 -6.26
N GLN A 143 -15.74 20.20 -7.03
CA GLN A 143 -14.64 19.25 -6.89
C GLN A 143 -13.21 19.86 -6.95
N PRO A 144 -13.08 21.19 -7.14
CA PRO A 144 -11.73 21.77 -7.21
C PRO A 144 -10.72 21.40 -6.11
N VAL A 145 -11.15 21.43 -4.85
CA VAL A 145 -10.25 21.10 -3.75
C VAL A 145 -9.72 19.66 -3.81
N ALA A 146 -10.52 18.74 -4.36
CA ALA A 146 -10.10 17.35 -4.48
C ALA A 146 -8.90 17.16 -5.43
N PHE A 147 -8.78 18.03 -6.44
CA PHE A 147 -7.67 17.90 -7.38
C PHE A 147 -6.39 18.56 -6.87
N LEU A 148 -6.51 19.40 -5.84
CA LEU A 148 -5.37 20.12 -5.26
C LEU A 148 -4.76 19.52 -3.99
N LEU A 149 -5.53 18.73 -3.23
CA LEU A 149 -5.04 18.12 -1.98
C LEU A 149 -4.10 16.94 -2.20
N LYS A 150 -2.95 16.97 -1.54
CA LYS A 150 -1.98 15.89 -1.66
C LYS A 150 -2.50 14.56 -1.07
N GLU A 151 -3.26 14.66 0.02
CA GLU A 151 -3.81 13.48 0.70
C GLU A 151 -4.84 12.69 -0.11
N LEU A 152 -5.38 13.32 -1.15
CA LEU A 152 -6.40 12.69 -1.99
C LEU A 152 -5.82 12.14 -3.28
N LYS A 153 -4.52 12.36 -3.47
CA LYS A 153 -3.84 11.87 -4.66
C LYS A 153 -3.98 10.36 -4.75
N GLY A 154 -4.51 9.87 -5.87
CA GLY A 154 -4.68 8.44 -6.06
C GLY A 154 -5.91 7.87 -5.37
N LYS A 155 -6.81 8.74 -4.95
CA LYS A 155 -8.04 8.31 -4.29
C LYS A 155 -9.18 8.15 -5.29
N PHE A 156 -8.91 8.54 -6.54
CA PHE A 156 -9.88 8.43 -7.62
C PHE A 156 -9.14 8.26 -8.94
N PRO A 157 -9.82 7.70 -9.95
CA PRO A 157 -9.23 7.47 -11.28
C PRO A 157 -8.80 8.73 -12.01
N ASP A 158 -7.79 8.59 -12.88
CA ASP A 158 -7.28 9.71 -13.65
C ASP A 158 -8.42 10.26 -14.50
N VAL A 159 -8.68 11.56 -14.39
CA VAL A 159 -9.74 12.18 -15.16
C VAL A 159 -9.13 12.84 -16.39
N PRO A 160 -9.76 12.64 -17.57
CA PRO A 160 -9.27 13.24 -18.82
C PRO A 160 -9.18 14.76 -18.78
N GLY A 161 -8.03 15.29 -19.21
CA GLY A 161 -7.83 16.72 -19.25
C GLY A 161 -7.05 17.27 -18.06
N PHE A 162 -6.88 16.46 -17.02
CA PHE A 162 -6.18 16.92 -15.83
C PHE A 162 -4.85 16.24 -15.51
N SER A 163 -4.23 15.56 -16.48
CA SER A 163 -2.96 14.90 -16.19
C SER A 163 -1.84 15.90 -15.88
N TRP A 164 -2.07 17.17 -16.19
CA TRP A 164 -1.09 18.21 -15.96
C TRP A 164 -1.05 18.69 -14.50
N VAL A 165 -2.06 18.31 -13.74
CA VAL A 165 -2.17 18.73 -12.34
C VAL A 165 -1.27 17.93 -11.38
N THR A 166 -0.68 18.65 -10.44
CA THR A 166 0.17 18.07 -9.41
C THR A 166 -0.35 18.60 -8.08
N PRO A 167 -0.94 17.73 -7.24
CA PRO A 167 -1.47 18.17 -5.94
C PRO A 167 -0.47 19.06 -5.24
N CYS A 168 -0.86 20.29 -4.94
CA CYS A 168 0.04 21.27 -4.33
C CYS A 168 -0.22 21.72 -2.90
N ILE A 169 -1.29 21.26 -2.27
CA ILE A 169 -1.53 21.67 -0.90
C ILE A 169 -1.90 20.49 -0.02
N SER A 170 -1.43 20.51 1.22
CA SER A 170 -1.73 19.43 2.16
C SER A 170 -2.88 19.87 3.05
N ALA A 171 -3.57 18.90 3.63
CA ALA A 171 -4.72 19.13 4.50
C ALA A 171 -4.55 20.20 5.58
N LYS A 172 -3.32 20.38 6.08
CA LYS A 172 -3.08 21.36 7.14
C LYS A 172 -2.90 22.79 6.63
N ASP A 173 -2.86 22.98 5.31
CA ASP A 173 -2.66 24.29 4.70
C ASP A 173 -3.90 25.08 4.27
N ILE A 174 -5.09 24.57 4.57
CA ILE A 174 -6.32 25.25 4.19
C ILE A 174 -7.33 25.41 5.33
N VAL A 175 -8.09 26.51 5.28
CA VAL A 175 -9.12 26.77 6.29
C VAL A 175 -10.42 27.21 5.60
N TYR A 176 -11.53 26.57 5.97
CA TYR A 176 -12.85 26.88 5.42
C TYR A 176 -13.61 27.83 6.36
N ILE A 177 -14.38 28.76 5.79
CA ILE A 177 -15.19 29.68 6.61
C ILE A 177 -16.57 29.87 5.97
N GLY A 178 -17.63 29.56 6.71
CA GLY A 178 -18.98 29.76 6.20
C GLY A 178 -19.79 28.53 5.80
N LEU A 179 -19.21 27.34 5.93
CA LEU A 179 -19.88 26.09 5.56
C LEU A 179 -21.27 25.87 6.15
N ARG A 180 -22.18 25.38 5.32
CA ARG A 180 -23.54 25.10 5.77
C ARG A 180 -24.31 24.18 4.80
N ASP A 181 -23.62 23.60 3.82
CA ASP A 181 -24.24 22.69 2.84
C ASP A 181 -23.20 21.69 2.32
N VAL A 182 -22.78 20.81 3.22
CA VAL A 182 -21.77 19.80 2.96
C VAL A 182 -22.35 18.40 2.74
N ASP A 183 -21.95 17.75 1.63
CA ASP A 183 -22.43 16.41 1.31
C ASP A 183 -21.83 15.37 2.26
N PRO A 184 -22.52 14.24 2.47
CA PRO A 184 -22.02 13.18 3.37
C PRO A 184 -20.58 12.73 3.08
N GLY A 185 -20.26 12.56 1.80
CA GLY A 185 -18.94 12.15 1.41
C GLY A 185 -17.91 13.19 1.76
N GLU A 186 -18.25 14.45 1.53
CA GLU A 186 -17.36 15.56 1.83
C GLU A 186 -17.07 15.67 3.31
N HIS A 187 -18.09 15.43 4.14
CA HIS A 187 -17.96 15.50 5.59
C HIS A 187 -17.04 14.38 6.10
N TYR A 188 -17.19 13.20 5.53
CA TYR A 188 -16.34 12.06 5.90
C TYR A 188 -14.90 12.45 5.58
N ILE A 189 -14.68 13.08 4.43
CA ILE A 189 -13.35 13.49 4.03
C ILE A 189 -12.69 14.53 4.96
N ILE A 190 -13.41 15.58 5.34
CA ILE A 190 -12.80 16.61 6.20
C ILE A 190 -12.53 16.13 7.62
N LYS A 191 -13.36 15.21 8.09
CA LYS A 191 -13.22 14.65 9.44
C LYS A 191 -12.06 13.66 9.47
N THR A 192 -11.98 12.82 8.44
CA THR A 192 -10.92 11.81 8.32
C THR A 192 -9.53 12.44 8.13
N LEU A 193 -9.43 13.41 7.22
CA LEU A 193 -8.16 14.08 6.93
C LEU A 193 -7.81 15.18 7.95
N GLY A 194 -8.78 15.57 8.76
CA GLY A 194 -8.57 16.61 9.77
C GLY A 194 -8.36 18.02 9.24
N ILE A 195 -9.18 18.42 8.28
CA ILE A 195 -9.05 19.77 7.73
C ILE A 195 -9.76 20.79 8.61
N LYS A 196 -9.09 21.91 8.84
CA LYS A 196 -9.59 22.98 9.69
C LYS A 196 -10.76 23.74 9.05
N TYR A 197 -11.82 23.96 9.83
CA TYR A 197 -12.98 24.67 9.31
C TYR A 197 -13.78 25.41 10.38
N PHE A 198 -14.44 26.47 9.94
CA PHE A 198 -15.32 27.25 10.78
C PHE A 198 -16.64 27.27 10.01
N SER A 199 -17.54 26.36 10.34
CA SER A 199 -18.83 26.31 9.68
C SER A 199 -19.67 27.42 10.32
N MET A 200 -20.89 27.64 9.84
CA MET A 200 -21.73 28.68 10.44
C MET A 200 -21.90 28.47 11.95
N THR A 201 -21.89 27.21 12.38
CA THR A 201 -22.02 26.88 13.79
C THR A 201 -20.87 27.54 14.60
N GLU A 202 -19.65 27.42 14.08
CA GLU A 202 -18.46 28.00 14.74
C GLU A 202 -18.47 29.53 14.70
N VAL A 203 -19.00 30.11 13.63
CA VAL A 203 -19.07 31.56 13.52
C VAL A 203 -20.08 32.06 14.55
N ASP A 204 -21.17 31.33 14.73
CA ASP A 204 -22.19 31.72 15.70
C ASP A 204 -21.63 31.62 17.11
N LYS A 205 -20.92 30.54 17.37
CA LYS A 205 -20.34 30.33 18.69
C LYS A 205 -19.26 31.34 19.05
N LEU A 206 -18.28 31.50 18.15
CA LEU A 206 -17.15 32.38 18.37
C LEU A 206 -17.25 33.87 18.03
N GLY A 207 -17.98 34.21 16.96
CA GLY A 207 -18.07 35.59 16.54
C GLY A 207 -17.00 35.68 15.44
N ILE A 208 -17.22 36.52 14.44
CA ILE A 208 -16.26 36.63 13.33
C ILE A 208 -14.89 37.14 13.78
N GLY A 209 -14.84 37.91 14.85
CA GLY A 209 -13.56 38.42 15.35
C GLY A 209 -12.61 37.30 15.76
N LYS A 210 -13.10 36.41 16.61
CA LYS A 210 -12.33 35.28 17.10
C LYS A 210 -12.04 34.28 15.97
N VAL A 211 -12.97 34.16 15.01
CA VAL A 211 -12.78 33.27 13.87
C VAL A 211 -11.53 33.68 13.05
N MET A 212 -11.39 34.97 12.74
CA MET A 212 -10.24 35.43 11.97
C MET A 212 -8.94 35.31 12.77
N GLU A 213 -9.03 35.52 14.08
CA GLU A 213 -7.86 35.40 14.94
C GLU A 213 -7.34 33.96 14.94
N GLU A 214 -8.26 33.02 15.09
CA GLU A 214 -7.92 31.61 15.10
C GLU A 214 -7.47 31.05 13.76
N THR A 215 -7.97 31.58 12.65
CA THR A 215 -7.53 31.05 11.37
C THR A 215 -6.10 31.54 11.10
N PHE A 216 -5.78 32.76 11.52
CA PHE A 216 -4.43 33.29 11.31
C PHE A 216 -3.38 32.62 12.18
N SER A 217 -3.72 32.31 13.43
CA SER A 217 -2.75 31.66 14.29
C SER A 217 -2.53 30.22 13.81
N TYR A 218 -3.60 29.59 13.33
CA TYR A 218 -3.52 28.22 12.83
C TYR A 218 -2.62 28.11 11.59
N LEU A 219 -2.81 29.01 10.63
CA LEU A 219 -2.05 28.98 9.39
C LEU A 219 -0.71 29.74 9.43
N LEU A 220 -0.66 30.83 10.20
CA LEU A 220 0.57 31.63 10.25
C LEU A 220 1.30 31.56 11.59
N GLY A 221 0.98 30.55 12.39
CA GLY A 221 1.62 30.38 13.68
C GLY A 221 3.12 30.11 13.58
N ARG A 222 3.48 29.02 12.90
CA ARG A 222 4.88 28.63 12.71
C ARG A 222 5.69 29.77 12.07
N LYS A 223 5.37 30.07 10.81
CA LYS A 223 6.05 31.12 10.06
C LYS A 223 5.05 31.84 9.16
N LYS A 224 5.46 32.99 8.65
CA LYS A 224 4.63 33.77 7.75
C LYS A 224 4.78 33.16 6.35
N ARG A 225 3.81 33.43 5.47
CA ARG A 225 3.84 32.92 4.11
C ARG A 225 2.67 33.48 3.28
N PRO A 226 2.74 33.35 1.94
CA PRO A 226 1.74 33.82 0.98
C PRO A 226 0.32 33.32 1.26
N ILE A 227 -0.64 34.22 1.14
CA ILE A 227 -2.04 33.88 1.36
C ILE A 227 -2.83 33.87 0.05
N HIS A 228 -3.64 32.82 -0.14
CA HIS A 228 -4.49 32.73 -1.32
C HIS A 228 -5.93 32.68 -0.82
N LEU A 229 -6.70 33.71 -1.15
CA LEU A 229 -8.10 33.79 -0.74
C LEU A 229 -9.02 33.43 -1.92
N SER A 230 -9.75 32.34 -1.79
CA SER A 230 -10.66 31.90 -2.84
C SER A 230 -12.08 32.17 -2.31
N PHE A 231 -12.67 33.26 -2.76
CA PHE A 231 -13.99 33.70 -2.31
C PHE A 231 -15.19 33.34 -3.21
N ASP A 232 -16.06 32.47 -2.70
CA ASP A 232 -17.28 32.08 -3.41
C ASP A 232 -18.37 32.98 -2.84
N VAL A 233 -18.91 33.83 -3.71
CA VAL A 233 -19.97 34.76 -3.37
C VAL A 233 -21.17 34.15 -2.60
N ASP A 234 -21.40 32.83 -2.71
CA ASP A 234 -22.53 32.24 -1.96
C ASP A 234 -22.16 31.96 -0.50
N GLY A 235 -21.00 32.47 -0.09
CA GLY A 235 -20.58 32.32 1.30
C GLY A 235 -21.48 33.22 2.12
N LEU A 236 -21.88 34.36 1.54
CA LEU A 236 -22.77 35.31 2.22
C LEU A 236 -24.23 34.87 2.01
N ASP A 237 -25.11 35.28 2.92
CA ASP A 237 -26.53 34.93 2.85
C ASP A 237 -27.17 35.47 1.56
N PRO A 238 -28.15 34.73 0.99
CA PRO A 238 -28.88 35.10 -0.25
C PRO A 238 -29.48 36.52 -0.25
N VAL A 239 -29.69 37.08 0.93
CA VAL A 239 -30.23 38.44 1.08
C VAL A 239 -29.19 39.45 0.61
N PHE A 240 -27.92 39.07 0.65
CA PHE A 240 -26.83 39.95 0.25
C PHE A 240 -26.27 39.67 -1.13
N THR A 241 -26.18 38.40 -1.48
CA THR A 241 -25.66 37.98 -2.78
C THR A 241 -26.61 36.97 -3.44
N PRO A 242 -27.84 37.42 -3.78
CA PRO A 242 -28.87 36.57 -4.42
C PRO A 242 -28.55 36.00 -5.81
N ALA A 243 -27.76 36.71 -6.61
CA ALA A 243 -27.42 36.24 -7.95
C ALA A 243 -26.28 35.22 -8.03
N THR A 244 -26.54 34.00 -7.54
CA THR A 244 -25.60 32.87 -7.56
C THR A 244 -26.35 31.59 -7.90
N GLY A 245 -25.63 30.59 -8.42
CA GLY A 245 -26.25 29.34 -8.79
C GLY A 245 -26.69 28.40 -7.67
N THR A 246 -26.06 28.51 -6.50
CA THR A 246 -26.42 27.61 -5.38
C THR A 246 -26.56 28.33 -4.02
N PRO A 247 -27.59 29.19 -3.87
CA PRO A 247 -27.82 29.92 -2.62
C PRO A 247 -28.33 29.09 -1.45
N VAL A 248 -27.74 29.32 -0.28
CA VAL A 248 -28.12 28.60 0.94
C VAL A 248 -28.43 29.58 2.08
N VAL A 249 -29.60 29.43 2.69
CA VAL A 249 -30.02 30.32 3.78
C VAL A 249 -29.15 30.19 5.04
N GLY A 250 -29.12 31.27 5.83
CA GLY A 250 -28.34 31.29 7.06
C GLY A 250 -26.85 31.53 6.87
N GLY A 251 -26.48 32.39 5.91
CA GLY A 251 -25.07 32.64 5.65
C GLY A 251 -24.43 33.83 6.34
N LEU A 252 -23.20 34.14 5.94
CA LEU A 252 -22.46 35.26 6.49
C LEU A 252 -23.17 36.58 6.13
N SER A 253 -23.04 37.57 7.00
CA SER A 253 -23.65 38.86 6.77
C SER A 253 -22.73 39.72 5.91
N TYR A 254 -23.23 40.89 5.51
CA TYR A 254 -22.46 41.82 4.71
C TYR A 254 -21.29 42.29 5.55
N ARG A 255 -21.60 42.66 6.78
CA ARG A 255 -20.62 43.11 7.75
C ARG A 255 -19.53 42.05 7.99
N GLU A 256 -19.91 40.79 8.16
CA GLU A 256 -18.94 39.72 8.38
C GLU A 256 -18.06 39.50 7.16
N GLY A 257 -18.64 39.58 5.96
CA GLY A 257 -17.86 39.40 4.75
C GLY A 257 -16.78 40.49 4.65
N LEU A 258 -17.15 41.72 4.95
CA LEU A 258 -16.19 42.80 4.89
C LEU A 258 -15.13 42.67 5.99
N TYR A 259 -15.50 42.13 7.14
CA TYR A 259 -14.54 41.97 8.24
C TYR A 259 -13.43 40.98 7.83
N ILE A 260 -13.83 39.88 7.19
CA ILE A 260 -12.90 38.87 6.72
C ILE A 260 -11.84 39.49 5.80
N THR A 261 -12.30 40.21 4.79
CA THR A 261 -11.39 40.83 3.84
C THR A 261 -10.55 41.97 4.44
N GLU A 262 -11.10 42.70 5.40
CA GLU A 262 -10.36 43.78 6.04
C GLU A 262 -9.18 43.19 6.85
N GLU A 263 -9.42 42.05 7.49
CA GLU A 263 -8.37 41.40 8.28
C GLU A 263 -7.28 40.78 7.41
N ILE A 264 -7.68 40.27 6.25
CA ILE A 264 -6.73 39.67 5.33
C ILE A 264 -5.82 40.75 4.74
N TYR A 265 -6.38 41.94 4.48
CA TYR A 265 -5.58 43.04 3.98
C TYR A 265 -4.53 43.44 5.03
N LYS A 266 -4.96 43.53 6.29
CA LYS A 266 -4.07 43.93 7.38
C LYS A 266 -2.86 43.03 7.65
N THR A 267 -2.88 41.79 7.14
CA THR A 267 -1.77 40.87 7.34
C THR A 267 -0.60 41.23 6.41
N GLY A 268 -0.93 41.82 5.26
CA GLY A 268 0.08 42.20 4.29
C GLY A 268 0.64 41.01 3.54
N LEU A 269 -0.03 39.86 3.69
CA LEU A 269 0.40 38.61 3.05
C LEU A 269 -0.46 38.12 1.88
N LEU A 270 -1.51 38.87 1.51
CA LEU A 270 -2.36 38.46 0.39
C LEU A 270 -1.50 38.36 -0.87
N SER A 271 -1.61 37.23 -1.56
CA SER A 271 -0.79 36.97 -2.75
C SER A 271 -1.62 36.61 -3.99
N GLY A 272 -2.79 35.99 -3.79
CA GLY A 272 -3.64 35.61 -4.90
C GLY A 272 -5.08 35.71 -4.45
N LEU A 273 -5.97 36.14 -5.35
CA LEU A 273 -7.39 36.30 -5.02
C LEU A 273 -8.30 35.77 -6.13
N ASP A 274 -9.40 35.12 -5.72
CA ASP A 274 -10.42 34.61 -6.64
C ASP A 274 -11.77 35.17 -6.19
N ILE A 275 -12.53 35.77 -7.10
CA ILE A 275 -13.88 36.28 -6.81
C ILE A 275 -14.78 35.46 -7.73
N MET A 276 -15.43 34.45 -7.16
CA MET A 276 -16.23 33.51 -7.95
C MET A 276 -17.73 33.38 -7.77
N GLU A 277 -18.33 32.72 -8.77
CA GLU A 277 -19.75 32.41 -8.82
C GLU A 277 -20.77 33.56 -8.93
N VAL A 278 -20.35 34.71 -9.43
CA VAL A 278 -21.29 35.80 -9.63
C VAL A 278 -21.93 35.52 -11.00
N ASN A 279 -23.26 35.36 -11.01
CA ASN A 279 -24.01 35.09 -12.24
C ASN A 279 -25.06 36.19 -12.42
N PRO A 280 -24.76 37.18 -13.27
CA PRO A 280 -25.62 38.33 -13.56
C PRO A 280 -26.96 38.05 -14.27
N THR A 281 -27.23 36.79 -14.62
CA THR A 281 -28.50 36.46 -15.27
C THR A 281 -29.45 35.74 -14.31
N LEU A 282 -29.06 35.67 -13.03
CA LEU A 282 -29.85 34.98 -12.01
C LEU A 282 -30.54 35.85 -10.94
N GLY A 283 -30.72 37.13 -11.18
CA GLY A 283 -31.42 37.89 -10.16
C GLY A 283 -32.92 37.56 -10.21
N LYS A 284 -33.66 37.97 -9.20
CA LYS A 284 -35.10 37.75 -9.20
C LYS A 284 -35.63 39.04 -9.82
N THR A 285 -34.79 40.07 -9.73
CA THR A 285 -35.07 41.40 -10.23
C THR A 285 -33.75 42.03 -10.64
N PRO A 286 -33.79 43.15 -11.37
CA PRO A 286 -32.55 43.82 -11.80
C PRO A 286 -31.70 44.32 -10.61
N GLU A 287 -32.34 44.69 -9.51
CA GLU A 287 -31.59 45.18 -8.36
C GLU A 287 -30.94 44.05 -7.56
N GLU A 288 -31.49 42.85 -7.63
CA GLU A 288 -30.87 41.72 -6.91
C GLU A 288 -29.53 41.47 -7.56
N VAL A 289 -29.45 41.76 -8.86
CA VAL A 289 -28.22 41.61 -9.62
C VAL A 289 -27.24 42.71 -9.19
N THR A 290 -27.69 43.95 -9.24
CA THR A 290 -26.87 45.09 -8.86
C THR A 290 -26.33 44.95 -7.44
N ARG A 291 -27.16 44.40 -6.56
CA ARG A 291 -26.81 44.16 -5.16
C ARG A 291 -25.62 43.20 -5.04
N THR A 292 -25.70 42.08 -5.76
CA THR A 292 -24.67 41.03 -5.77
C THR A 292 -23.34 41.49 -6.38
N VAL A 293 -23.43 42.17 -7.51
CA VAL A 293 -22.24 42.67 -8.21
C VAL A 293 -21.55 43.77 -7.39
N ASN A 294 -22.33 44.67 -6.81
CA ASN A 294 -21.76 45.75 -6.01
C ASN A 294 -21.12 45.24 -4.73
N THR A 295 -21.65 44.16 -4.16
CA THR A 295 -21.07 43.58 -2.95
C THR A 295 -19.73 42.92 -3.27
N ALA A 296 -19.67 42.22 -4.39
CA ALA A 296 -18.44 41.56 -4.82
C ALA A 296 -17.35 42.62 -5.05
N VAL A 297 -17.73 43.78 -5.56
CA VAL A 297 -16.78 44.86 -5.81
C VAL A 297 -16.28 45.45 -4.48
N ALA A 298 -17.19 45.61 -3.52
CA ALA A 298 -16.82 46.15 -2.22
C ALA A 298 -15.85 45.19 -1.51
N LEU A 299 -16.08 43.88 -1.64
CA LEU A 299 -15.21 42.90 -1.02
C LEU A 299 -13.80 42.94 -1.61
N THR A 300 -13.72 43.13 -2.92
CA THR A 300 -12.44 43.18 -3.63
C THR A 300 -11.63 44.41 -3.20
N LEU A 301 -12.31 45.55 -3.12
CA LEU A 301 -11.66 46.80 -2.72
C LEU A 301 -11.13 46.72 -1.28
N SER A 302 -11.86 46.01 -0.44
CA SER A 302 -11.51 45.81 0.98
C SER A 302 -10.22 45.00 1.08
N CYS A 303 -10.05 44.00 0.22
CA CYS A 303 -8.84 43.19 0.24
C CYS A 303 -7.62 44.03 -0.07
N PHE A 304 -7.84 45.18 -0.70
CA PHE A 304 -6.72 46.05 -1.05
C PHE A 304 -6.66 47.40 -0.34
N GLY A 305 -7.12 47.45 0.91
CA GLY A 305 -7.02 48.70 1.65
C GLY A 305 -8.20 49.56 2.04
N THR A 306 -9.32 49.45 1.34
CA THR A 306 -10.48 50.26 1.72
C THR A 306 -11.03 49.78 3.06
N LYS A 307 -11.08 50.68 4.05
CA LYS A 307 -11.56 50.36 5.40
C LYS A 307 -12.79 51.16 5.78
N ARG A 308 -13.66 50.56 6.57
CA ARG A 308 -14.88 51.24 7.01
C ARG A 308 -14.60 52.42 7.95
N GLU A 309 -13.44 52.42 8.60
CA GLU A 309 -13.09 53.53 9.51
C GLU A 309 -12.68 54.77 8.71
N GLY A 310 -12.32 54.58 7.44
CA GLY A 310 -11.92 55.70 6.60
C GLY A 310 -10.53 55.53 6.00
N ASN A 311 -10.20 56.39 5.05
CA ASN A 311 -8.89 56.34 4.39
C ASN A 311 -8.45 57.76 4.01
N HIS A 312 -7.14 57.97 3.90
CA HIS A 312 -6.61 59.26 3.47
C HIS A 312 -5.21 59.01 2.92
N LYS A 313 -4.72 59.92 2.09
CA LYS A 313 -3.41 59.72 1.49
C LYS A 313 -2.25 60.24 2.32
N LYS B 6 32.20 -36.85 -4.05
CA LYS B 6 30.82 -37.19 -3.59
C LYS B 6 29.81 -36.53 -4.52
N PRO B 7 29.20 -37.31 -5.42
CA PRO B 7 28.21 -36.80 -6.38
C PRO B 7 26.84 -36.53 -5.74
N ILE B 8 25.99 -35.83 -6.49
CA ILE B 8 24.64 -35.49 -6.03
C ILE B 8 23.62 -36.19 -6.92
N GLU B 9 22.48 -36.54 -6.35
CA GLU B 9 21.42 -37.17 -7.11
C GLU B 9 20.09 -36.50 -6.80
N ILE B 10 19.50 -35.87 -7.82
CA ILE B 10 18.22 -35.20 -7.70
C ILE B 10 17.09 -36.25 -7.80
N ILE B 11 16.18 -36.23 -6.83
CA ILE B 11 15.07 -37.18 -6.80
C ILE B 11 13.75 -36.40 -6.72
N GLY B 12 12.88 -36.60 -7.71
CA GLY B 12 11.61 -35.90 -7.72
C GLY B 12 10.49 -36.59 -6.96
N ALA B 13 9.77 -35.82 -6.15
CA ALA B 13 8.66 -36.36 -5.36
C ALA B 13 7.39 -35.51 -5.54
N PRO B 14 6.73 -35.62 -6.70
CA PRO B 14 5.49 -34.87 -6.98
C PRO B 14 4.30 -35.49 -6.23
N PHE B 15 4.27 -35.26 -4.92
CA PHE B 15 3.23 -35.84 -4.04
C PHE B 15 2.47 -34.76 -3.28
N SER B 16 1.18 -34.97 -3.04
CA SER B 16 0.37 -33.98 -2.33
C SER B 16 -0.66 -34.55 -1.36
N LYS B 17 -0.69 -35.87 -1.18
CA LYS B 17 -1.67 -36.50 -0.30
C LYS B 17 -1.48 -36.23 1.20
N GLY B 18 -0.44 -35.51 1.57
CA GLY B 18 -0.20 -35.20 2.97
C GLY B 18 -0.91 -33.93 3.39
N GLN B 19 -1.60 -33.31 2.44
CA GLN B 19 -2.36 -32.08 2.67
C GLN B 19 -3.45 -31.95 1.60
N PRO B 20 -4.38 -30.98 1.74
CA PRO B 20 -5.49 -30.77 0.78
C PRO B 20 -5.24 -30.25 -0.64
N ARG B 21 -4.35 -29.27 -0.77
CA ARG B 21 -4.05 -28.65 -2.05
C ARG B 21 -3.21 -29.48 -3.02
N GLY B 22 -3.73 -29.68 -4.23
CA GLY B 22 -3.04 -30.49 -5.22
C GLY B 22 -1.82 -29.90 -5.92
N GLY B 23 -1.69 -28.59 -5.91
CA GLY B 23 -0.59 -27.93 -6.59
C GLY B 23 0.85 -28.24 -6.22
N VAL B 24 1.10 -28.73 -4.99
CA VAL B 24 2.47 -29.04 -4.58
C VAL B 24 3.08 -30.16 -5.42
N GLU B 25 2.23 -30.94 -6.09
CA GLU B 25 2.71 -32.02 -6.94
C GLU B 25 3.55 -31.44 -8.07
N LYS B 26 3.32 -30.16 -8.38
CA LYS B 26 4.03 -29.47 -9.46
C LYS B 26 5.34 -28.81 -9.01
N GLY B 27 5.61 -28.85 -7.71
CA GLY B 27 6.83 -28.27 -7.20
C GLY B 27 8.11 -28.70 -7.91
N PRO B 28 8.36 -30.01 -8.13
CA PRO B 28 9.56 -30.50 -8.82
C PRO B 28 9.75 -29.94 -10.23
N ALA B 29 8.67 -29.91 -11.00
CA ALA B 29 8.70 -29.40 -12.36
C ALA B 29 9.06 -27.90 -12.44
N ALA B 30 8.50 -27.12 -11.52
CA ALA B 30 8.77 -25.69 -11.49
C ALA B 30 10.24 -25.43 -11.14
N LEU B 31 10.75 -26.19 -10.17
CA LEU B 31 12.14 -26.05 -9.76
C LEU B 31 13.06 -26.42 -10.92
N ARG B 32 12.73 -27.50 -11.63
CA ARG B 32 13.52 -27.94 -12.78
C ARG B 32 13.43 -26.92 -13.92
N LYS B 33 12.24 -26.34 -14.12
CA LYS B 33 12.04 -25.36 -15.18
C LYS B 33 12.80 -24.06 -14.89
N ALA B 34 13.11 -23.83 -13.62
CA ALA B 34 13.85 -22.65 -13.19
C ALA B 34 15.35 -22.86 -13.43
N GLY B 35 15.69 -24.02 -14.00
CA GLY B 35 17.07 -24.34 -14.29
C GLY B 35 17.89 -24.93 -13.15
N LEU B 36 17.23 -25.55 -12.17
CA LEU B 36 17.93 -26.13 -11.02
C LEU B 36 19.11 -27.06 -11.34
N VAL B 37 18.90 -28.03 -12.23
CA VAL B 37 19.96 -28.98 -12.57
C VAL B 37 21.14 -28.39 -13.33
N GLU B 38 20.88 -27.51 -14.30
CA GLU B 38 21.98 -26.88 -15.05
C GLU B 38 22.86 -26.01 -14.16
N LYS B 39 22.24 -25.36 -13.18
CA LYS B 39 22.97 -24.49 -12.26
C LYS B 39 23.82 -25.26 -11.25
N LEU B 40 23.34 -26.43 -10.86
CA LEU B 40 24.07 -27.28 -9.93
C LEU B 40 25.32 -27.84 -10.62
N LYS B 41 25.20 -28.07 -11.92
CA LYS B 41 26.33 -28.60 -12.70
C LYS B 41 27.44 -27.57 -12.82
N GLU B 42 27.19 -26.35 -12.37
CA GLU B 42 28.20 -25.30 -12.42
C GLU B 42 28.98 -25.27 -11.11
N THR B 43 28.67 -26.21 -10.21
CA THR B 43 29.35 -26.31 -8.93
C THR B 43 30.51 -27.31 -9.02
N GLU B 44 31.14 -27.58 -7.89
CA GLU B 44 32.25 -28.53 -7.85
C GLU B 44 31.77 -29.99 -7.85
N TYR B 45 30.47 -30.19 -7.63
CA TYR B 45 29.86 -31.52 -7.58
C TYR B 45 29.37 -32.03 -8.94
N ASN B 46 29.38 -33.36 -9.09
CA ASN B 46 28.88 -34.01 -10.30
C ASN B 46 27.40 -34.25 -10.02
N VAL B 47 26.54 -33.86 -10.96
CA VAL B 47 25.09 -34.00 -10.76
C VAL B 47 24.43 -35.14 -11.55
N ARG B 48 23.46 -35.78 -10.92
CA ARG B 48 22.71 -36.88 -11.52
C ARG B 48 21.23 -36.69 -11.21
N ASP B 49 20.38 -36.78 -12.22
CA ASP B 49 18.95 -36.62 -12.04
C ASP B 49 18.27 -37.97 -12.17
N HIS B 50 17.80 -38.50 -11.04
CA HIS B 50 17.11 -39.78 -11.03
C HIS B 50 15.75 -39.65 -11.71
N GLY B 51 15.23 -38.43 -11.76
CA GLY B 51 13.93 -38.19 -12.35
C GLY B 51 12.90 -38.15 -11.24
N ASP B 52 11.62 -38.10 -11.61
CA ASP B 52 10.53 -38.06 -10.63
C ASP B 52 9.99 -39.46 -10.35
N LEU B 53 9.54 -39.69 -9.12
CA LEU B 53 9.00 -41.00 -8.77
C LEU B 53 7.53 -41.11 -9.18
N ALA B 54 7.11 -42.35 -9.42
CA ALA B 54 5.72 -42.63 -9.80
C ALA B 54 5.08 -43.33 -8.61
N PHE B 55 4.30 -42.57 -7.84
CA PHE B 55 3.64 -43.09 -6.65
C PHE B 55 2.35 -43.86 -6.91
N VAL B 56 2.28 -45.07 -6.40
CA VAL B 56 1.10 -45.90 -6.58
C VAL B 56 0.00 -45.40 -5.65
N ASP B 57 -1.07 -44.88 -6.24
CA ASP B 57 -2.20 -44.37 -5.47
C ASP B 57 -3.04 -45.51 -4.94
N VAL B 58 -3.67 -45.30 -3.78
CA VAL B 58 -4.54 -46.30 -3.17
C VAL B 58 -5.97 -45.78 -3.22
N PRO B 59 -6.78 -46.33 -4.14
CA PRO B 59 -8.19 -45.96 -4.36
C PRO B 59 -9.05 -46.00 -3.10
N ASN B 60 -9.04 -47.15 -2.43
CA ASN B 60 -9.80 -47.31 -1.20
C ASN B 60 -8.86 -46.97 -0.04
N ASP B 61 -8.94 -45.71 0.39
CA ASP B 61 -8.08 -45.20 1.44
C ASP B 61 -8.88 -44.34 2.42
N SER B 62 -9.80 -44.96 3.14
CA SER B 62 -10.62 -44.23 4.12
C SER B 62 -9.76 -43.74 5.29
N PRO B 63 -10.17 -42.64 5.95
CA PRO B 63 -9.40 -42.10 7.08
C PRO B 63 -9.26 -43.07 8.24
N PHE B 64 -8.09 -43.05 8.86
CA PHE B 64 -7.82 -43.87 10.04
C PHE B 64 -8.13 -42.87 11.14
N GLN B 65 -9.30 -43.00 11.73
CA GLN B 65 -9.71 -42.06 12.75
C GLN B 65 -9.78 -40.69 12.05
N ILE B 66 -8.90 -39.76 12.43
CA ILE B 66 -8.89 -38.43 11.83
C ILE B 66 -7.86 -38.29 10.69
N VAL B 67 -6.87 -39.19 10.68
CA VAL B 67 -5.81 -39.20 9.69
C VAL B 67 -6.30 -39.45 8.25
N LYS B 68 -6.04 -38.50 7.36
CA LYS B 68 -6.45 -38.59 5.94
C LYS B 68 -5.38 -39.22 5.07
N ASN B 69 -5.82 -40.01 4.09
CA ASN B 69 -4.93 -40.69 3.14
C ASN B 69 -3.79 -41.47 3.79
N PRO B 70 -4.08 -42.26 4.85
CA PRO B 70 -3.00 -43.01 5.50
C PRO B 70 -2.23 -44.03 4.62
N ARG B 71 -2.96 -44.82 3.84
CA ARG B 71 -2.37 -45.83 2.97
C ARG B 71 -1.63 -45.28 1.75
N SER B 72 -2.13 -44.17 1.19
CA SER B 72 -1.48 -43.56 0.04
C SER B 72 -0.19 -42.87 0.51
N VAL B 73 -0.25 -42.23 1.67
CA VAL B 73 0.93 -41.54 2.23
C VAL B 73 2.00 -42.56 2.67
N GLY B 74 1.57 -43.65 3.30
CA GLY B 74 2.49 -44.68 3.75
C GLY B 74 3.25 -45.39 2.64
N LYS B 75 2.56 -45.76 1.57
CA LYS B 75 3.19 -46.45 0.44
C LYS B 75 4.15 -45.57 -0.34
N ALA B 76 3.77 -44.33 -0.58
CA ALA B 76 4.61 -43.39 -1.31
C ALA B 76 5.95 -43.19 -0.59
N ASN B 77 5.90 -43.12 0.74
CA ASN B 77 7.11 -42.94 1.54
C ASN B 77 7.95 -44.20 1.58
N GLU B 78 7.29 -45.36 1.53
CA GLU B 78 7.99 -46.64 1.54
C GLU B 78 8.78 -46.75 0.23
N GLN B 79 8.20 -46.25 -0.85
CA GLN B 79 8.85 -46.28 -2.17
C GLN B 79 10.08 -45.35 -2.14
N LEU B 80 9.88 -44.15 -1.62
CA LEU B 80 10.95 -43.15 -1.52
C LEU B 80 12.12 -43.61 -0.65
N ALA B 81 11.82 -44.23 0.49
CA ALA B 81 12.85 -44.73 1.38
C ALA B 81 13.81 -45.67 0.66
N ALA B 82 13.24 -46.63 -0.08
CA ALA B 82 14.05 -47.58 -0.82
C ALA B 82 14.96 -46.90 -1.85
N VAL B 83 14.44 -45.86 -2.51
CA VAL B 83 15.22 -45.15 -3.51
C VAL B 83 16.36 -44.37 -2.89
N VAL B 84 16.07 -43.64 -1.81
CA VAL B 84 17.09 -42.85 -1.10
C VAL B 84 18.19 -43.76 -0.58
N ALA B 85 17.81 -44.86 0.05
CA ALA B 85 18.76 -45.81 0.62
C ALA B 85 19.73 -46.37 -0.43
N GLU B 86 19.24 -46.60 -1.64
CA GLU B 86 20.12 -47.13 -2.67
C GLU B 86 21.16 -46.11 -3.10
N THR B 87 20.76 -44.85 -3.26
CA THR B 87 21.72 -43.83 -3.67
C THR B 87 22.74 -43.51 -2.56
N GLN B 88 22.31 -43.62 -1.30
CA GLN B 88 23.20 -43.38 -0.17
C GLN B 88 24.18 -44.55 -0.13
N LYS B 89 23.67 -45.71 -0.53
CA LYS B 89 24.47 -46.92 -0.56
C LYS B 89 25.62 -46.76 -1.53
N ASN B 90 25.40 -45.97 -2.58
CA ASN B 90 26.43 -45.74 -3.58
C ASN B 90 27.26 -44.49 -3.31
N GLY B 91 27.25 -44.00 -2.07
CA GLY B 91 28.03 -42.84 -1.72
C GLY B 91 27.70 -41.53 -2.41
N THR B 92 26.40 -41.25 -2.58
CA THR B 92 25.98 -40.01 -3.22
C THR B 92 25.10 -39.21 -2.26
N ILE B 93 25.07 -37.90 -2.45
CA ILE B 93 24.24 -37.02 -1.61
C ILE B 93 22.85 -36.92 -2.24
N SER B 94 21.80 -37.31 -1.52
CA SER B 94 20.45 -37.25 -2.07
C SER B 94 19.77 -35.87 -1.91
N VAL B 95 19.12 -35.43 -2.98
CA VAL B 95 18.38 -34.15 -2.99
C VAL B 95 16.93 -34.42 -3.42
N VAL B 96 16.03 -34.33 -2.46
CA VAL B 96 14.60 -34.60 -2.69
C VAL B 96 13.79 -33.30 -2.85
N LEU B 97 13.17 -33.19 -4.02
CA LEU B 97 12.27 -32.06 -4.38
C LEU B 97 10.82 -32.49 -4.11
N GLY B 98 10.17 -31.79 -3.19
CA GLY B 98 8.76 -32.09 -2.77
C GLY B 98 7.80 -31.28 -3.53
N GLY B 99 6.57 -31.36 -3.46
CA GLY B 99 5.80 -32.43 -2.88
C GLY B 99 5.54 -31.88 -1.40
N ASP B 100 4.45 -32.27 -0.68
CA ASP B 100 4.22 -31.76 0.76
C ASP B 100 5.29 -32.43 1.71
N HIS B 101 5.47 -31.87 2.91
CA HIS B 101 6.47 -32.34 3.87
C HIS B 101 6.31 -33.76 4.44
N SER B 102 5.21 -34.43 4.13
CA SER B 102 5.02 -35.79 4.63
C SER B 102 6.06 -36.73 4.02
N MET B 103 6.69 -36.30 2.92
CA MET B 103 7.70 -37.12 2.25
C MET B 103 9.05 -37.19 2.98
N ALA B 104 9.16 -36.45 4.08
CA ALA B 104 10.38 -36.47 4.90
C ALA B 104 10.47 -37.79 5.66
N ILE B 105 9.33 -38.46 5.83
CA ILE B 105 9.31 -39.75 6.51
C ILE B 105 10.14 -40.72 5.70
N GLY B 106 9.85 -40.81 4.40
CA GLY B 106 10.58 -41.72 3.55
C GLY B 106 12.01 -41.29 3.29
N SER B 107 12.22 -39.98 3.18
CA SER B 107 13.56 -39.45 2.92
C SER B 107 14.51 -39.73 4.07
N ILE B 108 14.07 -39.39 5.28
CA ILE B 108 14.90 -39.61 6.45
C ILE B 108 15.06 -41.10 6.76
N SER B 109 13.98 -41.87 6.65
CA SER B 109 14.02 -43.31 6.91
C SER B 109 15.05 -44.05 6.06
N GLY B 110 15.08 -43.76 4.77
CA GLY B 110 16.02 -44.42 3.88
C GLY B 110 17.45 -43.96 4.11
N HIS B 111 17.61 -42.72 4.53
CA HIS B 111 18.91 -42.13 4.79
C HIS B 111 19.55 -42.81 5.99
N ALA B 112 18.77 -42.96 7.06
CA ALA B 112 19.21 -43.58 8.30
C ALA B 112 19.53 -45.08 8.15
N ARG B 113 19.10 -45.67 7.04
CA ARG B 113 19.37 -47.09 6.80
C ARG B 113 20.85 -47.28 6.47
N VAL B 114 21.44 -46.28 5.85
CA VAL B 114 22.84 -46.30 5.46
C VAL B 114 23.70 -45.52 6.45
N HIS B 115 23.12 -44.48 7.05
CA HIS B 115 23.83 -43.65 8.02
C HIS B 115 23.02 -43.51 9.30
N PRO B 116 22.96 -44.58 10.10
CA PRO B 116 22.20 -44.58 11.35
C PRO B 116 22.65 -43.58 12.42
N ASP B 117 23.79 -42.92 12.20
CA ASP B 117 24.33 -41.95 13.15
C ASP B 117 24.04 -40.49 12.77
N LEU B 118 23.24 -40.30 11.73
CA LEU B 118 22.92 -38.96 11.26
C LEU B 118 22.08 -38.11 12.23
N CYS B 119 22.12 -36.80 12.02
CA CYS B 119 21.35 -35.85 12.81
C CYS B 119 20.48 -35.05 11.82
N VAL B 120 19.48 -34.36 12.34
CA VAL B 120 18.55 -33.61 11.50
C VAL B 120 18.41 -32.14 11.89
N ILE B 121 18.46 -31.26 10.90
CA ILE B 121 18.24 -29.84 11.11
C ILE B 121 16.95 -29.57 10.32
N TRP B 122 15.91 -29.15 11.05
CA TRP B 122 14.58 -28.91 10.49
C TRP B 122 14.23 -27.41 10.46
N VAL B 123 14.27 -26.80 9.28
CA VAL B 123 13.95 -25.37 9.12
C VAL B 123 12.47 -25.31 8.73
N ASP B 124 11.68 -24.61 9.53
CA ASP B 124 10.24 -24.61 9.32
C ASP B 124 9.55 -23.64 10.27
N ALA B 125 8.32 -23.23 9.95
CA ALA B 125 7.57 -22.36 10.85
C ALA B 125 6.84 -23.27 11.84
N HIS B 126 6.75 -24.56 11.48
CA HIS B 126 6.05 -25.59 12.27
C HIS B 126 6.96 -26.76 12.72
N THR B 127 6.54 -27.43 13.80
CA THR B 127 7.28 -28.57 14.34
C THR B 127 6.97 -29.91 13.65
N ASP B 128 5.82 -29.97 12.98
CA ASP B 128 5.39 -31.18 12.27
C ASP B 128 5.54 -32.42 13.16
N ILE B 129 5.16 -32.28 14.42
CA ILE B 129 5.28 -33.38 15.37
C ILE B 129 3.96 -33.84 16.02
N ASN B 130 2.83 -33.55 15.38
CA ASN B 130 1.55 -34.02 15.91
C ASN B 130 1.47 -35.52 15.69
N THR B 131 0.73 -36.20 16.56
CA THR B 131 0.55 -37.64 16.43
C THR B 131 -0.89 -37.85 15.94
N PRO B 132 -1.20 -39.07 15.46
CA PRO B 132 -2.55 -39.35 14.99
C PRO B 132 -3.61 -38.98 16.03
N LEU B 133 -3.18 -38.90 17.29
CA LEU B 133 -4.08 -38.57 18.39
C LEU B 133 -4.09 -37.10 18.80
N THR B 134 -3.07 -36.34 18.44
CA THR B 134 -3.04 -34.93 18.81
C THR B 134 -3.45 -34.02 17.66
N THR B 135 -3.35 -34.51 16.43
CA THR B 135 -3.71 -33.70 15.27
C THR B 135 -5.19 -33.29 15.25
N SER B 136 -5.47 -32.07 14.77
CA SER B 136 -6.85 -31.60 14.67
C SER B 136 -7.26 -31.52 13.20
N SER B 137 -6.28 -31.47 12.31
CA SER B 137 -6.53 -31.40 10.87
C SER B 137 -6.51 -32.78 10.19
N GLY B 138 -5.68 -33.69 10.71
CA GLY B 138 -5.59 -35.01 10.11
C GLY B 138 -4.62 -35.04 8.95
N ASN B 139 -4.08 -33.88 8.58
CA ASN B 139 -3.13 -33.81 7.47
C ASN B 139 -1.76 -34.33 7.89
N LEU B 140 -1.30 -35.39 7.23
CA LEU B 140 -0.01 -36.00 7.56
C LEU B 140 1.26 -35.18 7.36
N HIS B 141 1.20 -34.06 6.62
CA HIS B 141 2.41 -33.24 6.43
C HIS B 141 2.78 -32.52 7.72
N GLY B 142 1.91 -32.62 8.72
CA GLY B 142 2.16 -32.00 10.02
C GLY B 142 2.39 -33.05 11.10
N GLN B 143 2.76 -34.25 10.67
CA GLN B 143 3.02 -35.38 11.58
C GLN B 143 4.29 -36.22 11.27
N PRO B 144 5.06 -35.88 10.22
CA PRO B 144 6.25 -36.68 9.91
C PRO B 144 7.25 -36.98 11.03
N VAL B 145 7.54 -35.98 11.86
CA VAL B 145 8.49 -36.16 12.95
C VAL B 145 7.97 -37.17 13.97
N ALA B 146 6.66 -37.30 14.09
CA ALA B 146 6.07 -38.26 15.04
C ALA B 146 6.31 -39.72 14.67
N PHE B 147 6.49 -40.00 13.37
CA PHE B 147 6.74 -41.37 12.91
C PHE B 147 8.23 -41.74 12.94
N LEU B 148 9.09 -40.74 13.11
CA LEU B 148 10.53 -40.96 13.13
C LEU B 148 11.17 -41.00 14.52
N LEU B 149 10.59 -40.31 15.49
CA LEU B 149 11.13 -40.28 16.85
C LEU B 149 10.96 -41.57 17.65
N LYS B 150 12.08 -42.08 18.15
CA LYS B 150 12.06 -43.30 18.96
C LYS B 150 11.23 -43.15 20.25
N GLU B 151 11.29 -41.97 20.86
CA GLU B 151 10.57 -41.67 22.09
C GLU B 151 9.05 -41.68 21.95
N LEU B 152 8.57 -41.56 20.72
CA LEU B 152 7.13 -41.53 20.48
C LEU B 152 6.57 -42.88 20.03
N LYS B 153 7.46 -43.87 19.93
CA LYS B 153 7.07 -45.21 19.53
C LYS B 153 6.06 -45.80 20.51
N GLY B 154 4.90 -46.20 20.01
CA GLY B 154 3.88 -46.77 20.87
C GLY B 154 3.05 -45.74 21.64
N LYS B 155 3.17 -44.47 21.25
CA LYS B 155 2.41 -43.42 21.90
C LYS B 155 1.09 -43.18 21.19
N PHE B 156 0.91 -43.87 20.06
CA PHE B 156 -0.31 -43.78 19.29
C PHE B 156 -0.53 -45.11 18.55
N PRO B 157 -1.78 -45.38 18.13
CA PRO B 157 -2.14 -46.61 17.40
C PRO B 157 -1.45 -46.81 16.05
N ASP B 158 -1.30 -48.07 15.66
CA ASP B 158 -0.66 -48.38 14.39
C ASP B 158 -1.53 -47.82 13.27
N VAL B 159 -0.91 -47.01 12.42
CA VAL B 159 -1.60 -46.38 11.29
C VAL B 159 -1.39 -47.19 9.99
N PRO B 160 -2.49 -47.51 9.28
CA PRO B 160 -2.45 -48.28 8.02
C PRO B 160 -1.48 -47.70 6.98
N GLY B 161 -0.57 -48.55 6.50
CA GLY B 161 0.40 -48.13 5.49
C GLY B 161 1.79 -47.78 5.99
N PHE B 162 1.95 -47.74 7.31
CA PHE B 162 3.25 -47.39 7.89
C PHE B 162 3.86 -48.50 8.75
N SER B 163 3.45 -49.74 8.55
CA SER B 163 4.01 -50.84 9.36
C SER B 163 5.48 -51.05 9.07
N TRP B 164 5.93 -50.56 7.92
CA TRP B 164 7.32 -50.69 7.49
C TRP B 164 8.27 -49.72 8.19
N VAL B 165 7.71 -48.71 8.87
CA VAL B 165 8.52 -47.69 9.54
C VAL B 165 9.12 -48.09 10.89
N THR B 166 10.41 -47.79 11.04
CA THR B 166 11.13 -48.05 12.29
C THR B 166 11.73 -46.73 12.76
N PRO B 167 11.27 -46.22 13.92
CA PRO B 167 11.77 -44.96 14.47
C PRO B 167 13.29 -44.95 14.44
N CYS B 168 13.86 -43.96 13.74
CA CYS B 168 15.30 -43.90 13.58
C CYS B 168 16.07 -42.77 14.28
N ILE B 169 15.38 -41.82 14.88
CA ILE B 169 16.12 -40.75 15.57
C ILE B 169 15.57 -40.54 16.96
N SER B 170 16.45 -40.13 17.87
CA SER B 170 16.03 -39.87 19.23
C SER B 170 15.95 -38.36 19.39
N ALA B 171 15.18 -37.94 20.40
CA ALA B 171 14.97 -36.53 20.71
C ALA B 171 16.22 -35.65 20.65
N LYS B 172 17.38 -36.22 20.95
CA LYS B 172 18.63 -35.47 20.97
C LYS B 172 19.37 -35.37 19.63
N ASP B 173 18.81 -35.92 18.57
CA ASP B 173 19.46 -35.87 17.26
C ASP B 173 18.87 -34.85 16.28
N ILE B 174 17.91 -34.05 16.74
CA ILE B 174 17.29 -33.07 15.88
C ILE B 174 17.24 -31.67 16.51
N VAL B 175 17.34 -30.65 15.66
CA VAL B 175 17.26 -29.25 16.07
C VAL B 175 16.33 -28.50 15.10
N TYR B 176 15.38 -27.74 15.64
CA TYR B 176 14.44 -26.93 14.86
C TYR B 176 14.91 -25.48 14.77
N ILE B 177 14.67 -24.84 13.62
CA ILE B 177 15.01 -23.42 13.42
C ILE B 177 13.87 -22.70 12.68
N GLY B 178 13.33 -21.63 13.26
CA GLY B 178 12.28 -20.85 12.62
C GLY B 178 10.86 -20.94 13.16
N LEU B 179 10.65 -21.80 14.15
CA LEU B 179 9.32 -22.02 14.76
C LEU B 179 8.55 -20.77 15.15
N ARG B 180 7.25 -20.78 14.87
CA ARG B 180 6.39 -19.65 15.21
C ARG B 180 4.90 -20.02 15.18
N ASP B 181 4.59 -21.27 14.82
CA ASP B 181 3.17 -21.72 14.79
C ASP B 181 3.09 -23.18 15.26
N VAL B 182 3.21 -23.35 16.57
CA VAL B 182 3.21 -24.64 17.26
C VAL B 182 1.92 -24.94 18.01
N ASP B 183 1.28 -26.07 17.70
CA ASP B 183 0.03 -26.44 18.37
C ASP B 183 0.29 -26.81 19.84
N PRO B 184 -0.70 -26.64 20.72
CA PRO B 184 -0.54 -26.98 22.15
C PRO B 184 -0.02 -28.40 22.43
N GLY B 185 -0.54 -29.39 21.71
CA GLY B 185 -0.10 -30.76 21.89
C GLY B 185 1.37 -30.92 21.48
N GLU B 186 1.77 -30.19 20.44
CA GLU B 186 3.14 -30.21 19.95
C GLU B 186 4.12 -29.57 20.94
N HIS B 187 3.69 -28.50 21.59
CA HIS B 187 4.51 -27.79 22.57
C HIS B 187 4.75 -28.69 23.79
N TYR B 188 3.69 -29.38 24.22
CA TYR B 188 3.78 -30.31 25.35
C TYR B 188 4.83 -31.37 25.05
N ILE B 189 4.82 -31.88 23.81
CA ILE B 189 5.77 -32.90 23.40
C ILE B 189 7.22 -32.42 23.39
N ILE B 190 7.50 -31.25 22.83
CA ILE B 190 8.89 -30.81 22.78
C ILE B 190 9.42 -30.45 24.17
N LYS B 191 8.56 -29.99 25.05
CA LYS B 191 8.98 -29.62 26.40
C LYS B 191 9.19 -30.87 27.24
N THR B 192 8.32 -31.85 27.04
CA THR B 192 8.39 -33.12 27.76
C THR B 192 9.59 -33.96 27.33
N LEU B 193 9.84 -34.04 26.02
CA LEU B 193 10.95 -34.81 25.48
C LEU B 193 12.30 -34.08 25.46
N GLY B 194 12.28 -32.80 25.78
CA GLY B 194 13.50 -32.01 25.80
C GLY B 194 14.17 -31.83 24.45
N ILE B 195 13.38 -31.49 23.44
CA ILE B 195 13.92 -31.29 22.10
C ILE B 195 14.52 -29.88 21.94
N LYS B 196 15.71 -29.82 21.32
CA LYS B 196 16.43 -28.57 21.08
C LYS B 196 15.80 -27.77 19.93
N TYR B 197 15.52 -26.50 20.18
CA TYR B 197 14.91 -25.66 19.15
C TYR B 197 15.27 -24.18 19.26
N PHE B 198 15.17 -23.49 18.13
CA PHE B 198 15.41 -22.05 18.09
C PHE B 198 14.22 -21.41 17.39
N SER B 199 13.19 -21.07 18.17
CA SER B 199 12.00 -20.44 17.60
C SER B 199 12.38 -19.03 17.16
N MET B 200 11.45 -18.30 16.56
CA MET B 200 11.78 -16.95 16.13
C MET B 200 12.23 -16.07 17.31
N THR B 201 11.80 -16.41 18.52
CA THR B 201 12.20 -15.64 19.69
C THR B 201 13.71 -15.78 19.96
N GLU B 202 14.23 -17.00 19.78
CA GLU B 202 15.65 -17.27 19.99
C GLU B 202 16.48 -16.64 18.89
N VAL B 203 15.96 -16.60 17.67
CA VAL B 203 16.67 -15.99 16.54
C VAL B 203 16.78 -14.48 16.77
N ASP B 204 15.68 -13.88 17.25
CA ASP B 204 15.65 -12.45 17.53
C ASP B 204 16.64 -12.08 18.63
N LYS B 205 16.71 -12.92 19.66
CA LYS B 205 17.59 -12.68 20.79
C LYS B 205 19.07 -12.91 20.49
N LEU B 206 19.39 -14.05 19.89
CA LEU B 206 20.77 -14.45 19.60
C LEU B 206 21.40 -13.99 18.28
N GLY B 207 20.62 -13.88 17.23
CA GLY B 207 21.17 -13.53 15.94
C GLY B 207 21.36 -14.87 15.25
N ILE B 208 21.26 -14.91 13.92
CA ILE B 208 21.40 -16.18 13.20
C ILE B 208 22.83 -16.76 13.27
N GLY B 209 23.82 -15.90 13.47
CA GLY B 209 25.19 -16.38 13.59
C GLY B 209 25.39 -17.29 14.80
N LYS B 210 24.92 -16.83 15.96
CA LYS B 210 25.02 -17.57 17.22
C LYS B 210 24.15 -18.83 17.16
N VAL B 211 22.98 -18.72 16.54
CA VAL B 211 22.07 -19.85 16.39
C VAL B 211 22.72 -21.03 15.66
N MET B 212 23.40 -20.76 14.53
CA MET B 212 24.05 -21.82 13.78
C MET B 212 25.22 -22.40 14.59
N GLU B 213 25.96 -21.53 15.25
CA GLU B 213 27.09 -21.94 16.07
C GLU B 213 26.62 -22.94 17.10
N GLU B 214 25.54 -22.59 17.80
CA GLU B 214 24.98 -23.43 18.83
C GLU B 214 24.35 -24.72 18.33
N THR B 215 23.73 -24.72 17.14
CA THR B 215 23.14 -25.98 16.69
C THR B 215 24.25 -26.98 16.35
N PHE B 216 25.35 -26.51 15.78
CA PHE B 216 26.44 -27.40 15.43
C PHE B 216 27.15 -27.96 16.68
N SER B 217 27.37 -27.14 17.69
CA SER B 217 28.03 -27.64 18.90
C SER B 217 27.14 -28.64 19.62
N TYR B 218 25.81 -28.43 19.51
CA TYR B 218 24.84 -29.32 20.14
C TYR B 218 24.79 -30.66 19.42
N LEU B 219 24.76 -30.62 18.10
CA LEU B 219 24.69 -31.84 17.31
C LEU B 219 26.02 -32.49 16.98
N LEU B 220 27.07 -31.67 16.80
CA LEU B 220 28.38 -32.20 16.44
C LEU B 220 29.46 -32.02 17.50
N GLY B 221 29.05 -31.77 18.74
CA GLY B 221 30.01 -31.59 19.81
C GLY B 221 30.78 -32.85 20.14
N ARG B 222 30.06 -33.94 20.39
CA ARG B 222 30.69 -35.23 20.71
C ARG B 222 31.57 -35.71 19.56
N LYS B 223 30.93 -36.07 18.45
CA LYS B 223 31.63 -36.56 17.27
C LYS B 223 30.98 -36.02 16.00
N LYS B 224 31.73 -36.02 14.90
CA LYS B 224 31.20 -35.57 13.63
C LYS B 224 30.34 -36.69 13.05
N ARG B 225 29.36 -36.33 12.22
CA ARG B 225 28.46 -37.32 11.62
C ARG B 225 27.61 -36.70 10.50
N PRO B 226 26.95 -37.54 9.68
CA PRO B 226 26.10 -37.08 8.57
C PRO B 226 24.99 -36.11 8.97
N ILE B 227 24.74 -35.12 8.13
CA ILE B 227 23.70 -34.14 8.39
C ILE B 227 22.58 -34.28 7.36
N HIS B 228 21.34 -34.22 7.85
CA HIS B 228 20.16 -34.27 6.99
C HIS B 228 19.39 -32.96 7.19
N LEU B 229 19.34 -32.12 6.16
CA LEU B 229 18.64 -30.85 6.26
C LEU B 229 17.26 -30.97 5.58
N SER B 230 16.20 -30.85 6.38
CA SER B 230 14.83 -30.92 5.85
C SER B 230 14.31 -29.48 5.85
N PHE B 231 14.32 -28.86 4.67
CA PHE B 231 13.91 -27.46 4.50
C PHE B 231 12.47 -27.22 4.00
N ASP B 232 11.63 -26.68 4.87
CA ASP B 232 10.25 -26.34 4.53
C ASP B 232 10.30 -24.86 4.15
N VAL B 233 9.96 -24.58 2.90
CA VAL B 233 9.97 -23.23 2.37
C VAL B 233 9.23 -22.19 3.24
N ASP B 234 8.24 -22.63 4.02
CA ASP B 234 7.48 -21.68 4.86
C ASP B 234 8.24 -21.26 6.13
N GLY B 235 9.50 -21.65 6.21
CA GLY B 235 10.33 -21.26 7.33
C GLY B 235 10.64 -19.78 7.17
N LEU B 236 10.76 -19.35 5.91
CA LEU B 236 11.03 -17.95 5.57
C LEU B 236 9.73 -17.14 5.59
N ASP B 237 9.84 -15.83 5.75
CA ASP B 237 8.67 -14.95 5.80
C ASP B 237 7.90 -14.96 4.47
N PRO B 238 6.56 -14.90 4.54
CA PRO B 238 5.69 -14.90 3.34
C PRO B 238 6.10 -13.88 2.26
N VAL B 239 6.84 -12.85 2.66
CA VAL B 239 7.29 -11.82 1.72
C VAL B 239 8.37 -12.36 0.80
N PHE B 240 8.99 -13.46 1.20
CA PHE B 240 10.04 -14.07 0.42
C PHE B 240 9.56 -15.36 -0.27
N THR B 241 8.75 -16.13 0.42
CA THR B 241 8.24 -17.38 -0.13
C THR B 241 6.70 -17.46 0.00
N PRO B 242 5.99 -16.57 -0.70
CA PRO B 242 4.52 -16.53 -0.65
C PRO B 242 3.72 -17.75 -1.16
N ALA B 243 4.25 -18.45 -2.17
CA ALA B 243 3.57 -19.61 -2.76
C ALA B 243 3.73 -20.94 -2.00
N THR B 244 3.10 -21.01 -0.83
CA THR B 244 3.08 -22.18 0.06
C THR B 244 1.70 -22.27 0.71
N GLY B 245 1.32 -23.48 1.10
CA GLY B 245 0.01 -23.69 1.71
C GLY B 245 -0.25 -23.18 3.11
N THR B 246 0.78 -23.01 3.93
CA THR B 246 0.58 -22.55 5.31
C THR B 246 1.53 -21.45 5.75
N PRO B 247 1.44 -20.27 5.11
CA PRO B 247 2.32 -19.14 5.45
C PRO B 247 2.00 -18.51 6.81
N VAL B 248 3.06 -18.09 7.52
CA VAL B 248 2.91 -17.46 8.84
C VAL B 248 3.81 -16.21 8.89
N VAL B 249 3.23 -15.10 9.32
CA VAL B 249 3.97 -13.83 9.40
C VAL B 249 5.10 -13.86 10.43
N GLY B 250 6.09 -12.99 10.23
CA GLY B 250 7.22 -12.89 11.13
C GLY B 250 8.25 -14.01 11.01
N GLY B 251 8.62 -14.38 9.80
CA GLY B 251 9.58 -15.45 9.62
C GLY B 251 11.02 -15.07 9.30
N LEU B 252 11.84 -16.07 9.02
CA LEU B 252 13.24 -15.86 8.67
C LEU B 252 13.34 -15.01 7.40
N SER B 253 14.41 -14.24 7.30
CA SER B 253 14.60 -13.39 6.13
C SER B 253 15.32 -14.15 5.02
N TYR B 254 15.42 -13.51 3.85
CA TYR B 254 16.11 -14.10 2.72
C TYR B 254 17.56 -14.33 3.16
N ARG B 255 18.14 -13.26 3.70
CA ARG B 255 19.51 -13.26 4.19
C ARG B 255 19.76 -14.38 5.20
N GLU B 256 18.89 -14.51 6.21
CA GLU B 256 19.04 -15.56 7.22
C GLU B 256 18.91 -16.96 6.62
N GLY B 257 17.99 -17.11 5.66
CA GLY B 257 17.81 -18.40 5.00
C GLY B 257 19.09 -18.81 4.30
N LEU B 258 19.73 -17.87 3.60
CA LEU B 258 20.97 -18.16 2.89
C LEU B 258 22.15 -18.38 3.84
N TYR B 259 22.13 -17.73 5.00
CA TYR B 259 23.19 -17.88 5.99
C TYR B 259 23.20 -19.33 6.55
N ILE B 260 22.01 -19.86 6.80
CA ILE B 260 21.84 -21.21 7.31
C ILE B 260 22.45 -22.23 6.37
N THR B 261 22.13 -22.12 5.08
CA THR B 261 22.65 -23.05 4.09
C THR B 261 24.15 -22.86 3.81
N GLU B 262 24.64 -21.64 3.99
CA GLU B 262 26.07 -21.36 3.79
C GLU B 262 26.86 -22.03 4.92
N GLU B 263 26.32 -21.97 6.14
CA GLU B 263 27.01 -22.60 7.28
C GLU B 263 27.01 -24.11 7.18
N ILE B 264 25.92 -24.67 6.66
CA ILE B 264 25.82 -26.12 6.51
C ILE B 264 26.79 -26.63 5.43
N TYR B 265 26.96 -25.86 4.36
CA TYR B 265 27.89 -26.27 3.31
C TYR B 265 29.30 -26.30 3.90
N LYS B 266 29.62 -25.29 4.70
CA LYS B 266 30.95 -25.20 5.29
C LYS B 266 31.33 -26.32 6.25
N THR B 267 30.35 -27.09 6.73
CA THR B 267 30.65 -28.20 7.62
C THR B 267 31.21 -29.39 6.85
N GLY B 268 30.85 -29.48 5.57
CA GLY B 268 31.31 -30.58 4.75
C GLY B 268 30.64 -31.88 5.10
N LEU B 269 29.64 -31.80 5.99
CA LEU B 269 28.90 -32.97 6.45
C LEU B 269 27.51 -33.21 5.85
N LEU B 270 27.05 -32.31 4.97
CA LEU B 270 25.71 -32.48 4.35
C LEU B 270 25.65 -33.82 3.62
N SER B 271 24.66 -34.65 4.00
CA SER B 271 24.48 -35.98 3.44
C SER B 271 23.15 -36.19 2.71
N GLY B 272 22.10 -35.51 3.17
CA GLY B 272 20.78 -35.62 2.56
C GLY B 272 20.06 -34.29 2.63
N LEU B 273 19.22 -33.99 1.64
CA LEU B 273 18.52 -32.71 1.61
C LEU B 273 17.06 -32.83 1.12
N ASP B 274 16.18 -32.03 1.70
CA ASP B 274 14.76 -31.97 1.30
C ASP B 274 14.39 -30.50 1.05
N ILE B 275 13.77 -30.20 -0.10
CA ILE B 275 13.32 -28.83 -0.42
C ILE B 275 11.80 -28.99 -0.57
N MET B 276 11.05 -28.69 0.49
CA MET B 276 9.61 -28.91 0.50
C MET B 276 8.62 -27.78 0.57
N GLU B 277 7.39 -28.14 0.23
CA GLU B 277 6.20 -27.28 0.24
C GLU B 277 6.08 -26.11 -0.75
N VAL B 278 6.81 -26.18 -1.86
CA VAL B 278 6.71 -25.14 -2.89
C VAL B 278 5.46 -25.51 -3.72
N ASN B 279 4.45 -24.63 -3.71
CA ASN B 279 3.21 -24.87 -4.47
C ASN B 279 3.06 -23.78 -5.54
N PRO B 280 3.45 -24.09 -6.79
CA PRO B 280 3.39 -23.18 -7.93
C PRO B 280 2.03 -22.64 -8.39
N THR B 281 0.94 -23.12 -7.79
CA THR B 281 -0.40 -22.65 -8.13
C THR B 281 -0.96 -21.70 -7.06
N LEU B 282 -0.16 -21.39 -6.05
CA LEU B 282 -0.61 -20.54 -4.95
C LEU B 282 -0.10 -19.09 -4.90
N GLY B 283 0.39 -18.57 -6.00
CA GLY B 283 0.84 -17.19 -5.96
C GLY B 283 -0.36 -16.24 -6.00
N LYS B 284 -0.16 -15.00 -5.54
CA LYS B 284 -1.23 -14.01 -5.59
C LYS B 284 -1.14 -13.45 -7.00
N THR B 285 0.07 -13.53 -7.55
CA THR B 285 0.40 -13.06 -8.89
C THR B 285 1.47 -14.00 -9.45
N PRO B 286 1.72 -13.90 -10.77
CA PRO B 286 2.74 -14.77 -11.40
C PRO B 286 4.16 -14.54 -10.87
N GLU B 287 4.44 -13.33 -10.37
CA GLU B 287 5.77 -13.05 -9.86
C GLU B 287 5.97 -13.56 -8.43
N GLU B 288 4.88 -13.73 -7.69
CA GLU B 288 4.99 -14.25 -6.33
C GLU B 288 5.47 -15.69 -6.45
N VAL B 289 5.00 -16.38 -7.48
CA VAL B 289 5.41 -17.75 -7.73
C VAL B 289 6.89 -17.78 -8.15
N THR B 290 7.27 -16.94 -9.10
CA THR B 290 8.66 -16.90 -9.56
C THR B 290 9.59 -16.57 -8.37
N ARG B 291 9.14 -15.68 -7.49
CA ARG B 291 9.89 -15.28 -6.30
C ARG B 291 10.19 -16.47 -5.39
N THR B 292 9.16 -17.27 -5.14
CA THR B 292 9.25 -18.45 -4.30
C THR B 292 10.16 -19.52 -4.90
N VAL B 293 9.94 -19.85 -6.17
CA VAL B 293 10.74 -20.84 -6.88
C VAL B 293 12.21 -20.44 -6.93
N ASN B 294 12.47 -19.19 -7.32
CA ASN B 294 13.84 -18.71 -7.43
C ASN B 294 14.58 -18.72 -6.08
N THR B 295 13.86 -18.45 -5.00
CA THR B 295 14.46 -18.47 -3.68
C THR B 295 14.83 -19.91 -3.30
N ALA B 296 13.91 -20.85 -3.55
CA ALA B 296 14.14 -22.26 -3.26
C ALA B 296 15.37 -22.78 -4.02
N VAL B 297 15.56 -22.30 -5.25
CA VAL B 297 16.71 -22.70 -6.06
C VAL B 297 18.01 -22.14 -5.46
N ALA B 298 17.98 -20.86 -5.06
CA ALA B 298 19.13 -20.20 -4.47
C ALA B 298 19.61 -20.90 -3.20
N LEU B 299 18.65 -21.35 -2.39
CA LEU B 299 18.96 -22.07 -1.15
C LEU B 299 19.66 -23.41 -1.42
N THR B 300 19.22 -24.10 -2.47
CA THR B 300 19.79 -25.39 -2.86
C THR B 300 21.21 -25.24 -3.36
N LEU B 301 21.45 -24.23 -4.19
CA LEU B 301 22.78 -23.98 -4.72
C LEU B 301 23.75 -23.57 -3.60
N SER B 302 23.22 -22.87 -2.61
CA SER B 302 23.99 -22.41 -1.46
C SER B 302 24.47 -23.63 -0.65
N CYS B 303 23.63 -24.66 -0.56
CA CYS B 303 23.99 -25.89 0.16
C CYS B 303 25.17 -26.61 -0.50
N PHE B 304 25.39 -26.34 -1.77
CA PHE B 304 26.48 -26.99 -2.48
C PHE B 304 27.65 -26.11 -2.89
N GLY B 305 27.86 -25.02 -2.15
CA GLY B 305 29.02 -24.19 -2.42
C GLY B 305 28.89 -22.73 -2.83
N THR B 306 27.76 -22.35 -3.43
CA THR B 306 27.62 -20.96 -3.85
C THR B 306 27.61 -20.03 -2.64
N LYS B 307 28.52 -19.06 -2.63
CA LYS B 307 28.65 -18.10 -1.54
C LYS B 307 28.39 -16.67 -2.01
N ARG B 308 27.85 -15.83 -1.13
CA ARG B 308 27.61 -14.43 -1.47
C ARG B 308 28.88 -13.59 -1.60
N GLU B 309 30.00 -14.07 -1.04
CA GLU B 309 31.27 -13.34 -1.16
C GLU B 309 31.89 -13.58 -2.54
N GLY B 310 31.42 -14.62 -3.22
CA GLY B 310 31.93 -14.94 -4.55
C GLY B 310 32.48 -16.35 -4.66
N ASN B 311 32.83 -16.76 -5.88
CA ASN B 311 33.38 -18.09 -6.16
C ASN B 311 34.29 -18.03 -7.39
N HIS B 312 35.25 -18.96 -7.48
CA HIS B 312 36.15 -19.07 -8.62
C HIS B 312 36.78 -20.48 -8.64
N LYS B 313 37.10 -20.98 -9.84
CA LYS B 313 37.67 -22.32 -9.96
C LYS B 313 39.17 -22.38 -9.66
#